data_4R9N
#
_entry.id   4R9N
#
_cell.length_a   52.818
_cell.length_b   52.818
_cell.length_c   172.283
_cell.angle_alpha   90.000
_cell.angle_beta   90.000
_cell.angle_gamma   90.000
#
_symmetry.space_group_name_H-M   'P 43 21 2'
#
loop_
_entity.id
_entity.type
_entity.pdbx_description
1 polymer 'Lmo0547 protein'
2 water water
#
_entity_poly.entity_id   1
_entity_poly.type   'polypeptide(L)'
_entity_poly.pdbx_seq_one_letter_code
;SNATVDLEQKLEEKFGLEEAIVVATHD(MSE)SEEEALNFLAKEAAYTLSKRIAKVKTLGISWGKTIRKFANEFPFIPHK
DLTIIPLIGG(MSE)GSSDIDLHSNQICYDLKKK(MSE)KCHSKYLYAPALVEDTE(MSE)KTDLSKNKYISEVLEEGKT
VD(MSE)AIVGVSSPYNHST(MSE)EEIGYINSEDIEELRYKDVVGDINSRFFTADGKEAKTEINTHVIGLSLEELKNIP
TVVALANGLQKKEALVAALNAGLIDVIVITDR(MSE)AEYIL
;
_entity_poly.pdbx_strand_id   A
#
# COMPACT_ATOMS: atom_id res chain seq x y z
N ASN A 2 23.99 -16.20 -4.44
CA ASN A 2 23.60 -14.84 -4.93
C ASN A 2 23.82 -13.83 -3.84
N ALA A 3 24.41 -12.70 -4.20
CA ALA A 3 24.26 -11.52 -3.35
C ALA A 3 22.75 -11.29 -3.18
N THR A 4 21.95 -11.46 -4.22
CA THR A 4 20.48 -11.23 -4.11
C THR A 4 19.75 -12.12 -3.09
N VAL A 5 19.98 -13.41 -3.17
CA VAL A 5 19.41 -14.34 -2.23
C VAL A 5 19.96 -14.03 -0.84
N ASP A 6 21.22 -13.62 -0.80
CA ASP A 6 21.86 -13.19 0.43
C ASP A 6 21.08 -12.07 1.03
N LEU A 7 20.79 -11.01 0.25
CA LEU A 7 20.07 -9.89 0.80
C LEU A 7 18.66 -10.29 1.26
N GLU A 8 17.99 -11.14 0.49
CA GLU A 8 16.63 -11.58 0.81
C GLU A 8 16.59 -12.29 2.18
N GLN A 9 17.46 -13.25 2.39
CA GLN A 9 17.67 -13.93 3.69
CA GLN A 9 17.51 -13.92 3.68
C GLN A 9 17.88 -12.98 4.81
N LYS A 10 18.78 -12.04 4.59
CA LYS A 10 19.13 -11.08 5.63
C LYS A 10 17.93 -10.25 6.03
N LEU A 11 17.17 -9.80 5.04
CA LEU A 11 15.96 -9.01 5.30
C LEU A 11 14.88 -9.82 6.02
N GLU A 12 14.72 -11.08 5.65
CA GLU A 12 13.73 -11.91 6.28
C GLU A 12 14.04 -12.12 7.77
N GLU A 13 15.31 -12.33 8.06
CA GLU A 13 15.79 -12.53 9.43
CA GLU A 13 15.68 -12.55 9.45
C GLU A 13 15.65 -11.24 10.23
N LYS A 14 16.10 -10.13 9.65
CA LYS A 14 16.02 -8.87 10.34
C LYS A 14 14.59 -8.52 10.73
N PHE A 15 13.69 -8.51 9.77
CA PHE A 15 12.33 -8.00 10.02
C PHE A 15 11.31 -9.08 10.33
N GLY A 16 11.68 -10.35 10.29
CA GLY A 16 10.69 -11.42 10.50
C GLY A 16 9.68 -11.49 9.36
N LEU A 17 10.11 -11.30 8.11
CA LEU A 17 9.23 -11.47 6.96
C LEU A 17 8.98 -12.90 6.52
N GLU A 18 7.82 -13.09 5.94
CA GLU A 18 7.52 -14.31 5.21
C GLU A 18 8.43 -14.42 3.96
N GLU A 19 8.59 -13.32 3.24
CA GLU A 19 9.43 -13.29 2.07
C GLU A 19 9.91 -11.90 1.70
N ALA A 20 11.13 -11.82 1.20
CA ALA A 20 11.66 -10.59 0.62
C ALA A 20 12.08 -10.87 -0.81
N ILE A 21 11.56 -10.07 -1.75
CA ILE A 21 11.95 -10.17 -3.13
C ILE A 21 12.82 -8.96 -3.49
N VAL A 22 14.08 -9.20 -3.79
CA VAL A 22 15.00 -8.12 -3.98
C VAL A 22 15.38 -8.11 -5.42
N VAL A 23 15.31 -6.93 -6.01
CA VAL A 23 15.46 -6.77 -7.44
C VAL A 23 16.82 -6.14 -7.71
N ALA A 24 17.61 -6.73 -8.59
CA ALA A 24 18.95 -6.24 -8.87
C ALA A 24 18.88 -5.10 -9.84
N THR A 25 19.38 -3.94 -9.43
CA THR A 25 19.43 -2.80 -10.30
C THR A 25 20.85 -2.76 -10.84
N HIS A 26 20.99 -2.55 -12.13
CA HIS A 26 22.34 -2.49 -12.66
C HIS A 26 22.72 -1.02 -12.46
N ASP A 27 22.42 -0.17 -13.41
CA ASP A 27 22.94 1.19 -13.38
C ASP A 27 21.74 1.99 -13.74
N SER A 29 18.76 5.05 -12.44
CA SER A 29 18.29 6.10 -11.56
C SER A 29 17.16 5.61 -10.64
N GLU A 30 16.79 6.40 -9.64
CA GLU A 30 15.67 6.00 -8.79
C GLU A 30 14.41 5.73 -9.63
N GLU A 31 14.15 6.61 -10.61
CA GLU A 31 12.96 6.54 -11.49
CA GLU A 31 12.93 6.49 -11.42
C GLU A 31 13.03 5.30 -12.38
N GLU A 32 14.19 5.03 -12.92
CA GLU A 32 14.34 3.82 -13.78
C GLU A 32 14.21 2.49 -12.93
N ALA A 33 14.75 2.53 -11.74
CA ALA A 33 14.64 1.42 -10.78
C ALA A 33 13.16 1.17 -10.43
N LEU A 34 12.39 2.23 -10.19
CA LEU A 34 10.95 2.09 -9.89
C LEU A 34 10.18 1.36 -10.97
N ASN A 35 10.41 1.68 -12.26
CA ASN A 35 9.76 0.96 -13.34
C ASN A 35 10.16 -0.55 -13.42
N PHE A 36 11.44 -0.82 -13.21
CA PHE A 36 11.94 -2.15 -13.21
C PHE A 36 11.36 -2.92 -12.00
N LEU A 37 11.33 -2.29 -10.83
CA LEU A 37 10.68 -2.89 -9.62
C LEU A 37 9.25 -3.25 -9.90
N ALA A 38 8.51 -2.35 -10.56
CA ALA A 38 7.12 -2.66 -10.93
C ALA A 38 6.98 -3.85 -11.83
N LYS A 39 7.80 -3.91 -12.83
CA LYS A 39 7.79 -4.98 -13.79
C LYS A 39 8.10 -6.32 -13.15
N GLU A 40 9.11 -6.32 -12.29
CA GLU A 40 9.48 -7.58 -11.62
C GLU A 40 8.51 -7.97 -10.53
N ALA A 41 7.89 -6.98 -9.87
CA ALA A 41 6.84 -7.25 -8.93
C ALA A 41 5.66 -7.87 -9.61
N ALA A 42 5.28 -7.35 -10.77
CA ALA A 42 4.16 -7.92 -11.47
C ALA A 42 4.43 -9.40 -11.80
N TYR A 43 5.63 -9.67 -12.27
CA TYR A 43 6.00 -11.03 -12.70
C TYR A 43 5.95 -11.97 -11.53
N THR A 44 6.63 -11.62 -10.44
CA THR A 44 6.70 -12.50 -9.33
C THR A 44 5.41 -12.62 -8.55
N LEU A 45 4.73 -11.49 -8.34
CA LEU A 45 3.50 -11.54 -7.58
C LEU A 45 2.32 -12.16 -8.32
N SER A 46 2.34 -12.16 -9.66
CA SER A 46 1.27 -12.83 -10.43
C SER A 46 1.20 -14.29 -10.01
N LYS A 47 2.34 -14.87 -9.68
CA LYS A 47 2.39 -16.27 -9.25
C LYS A 47 1.73 -16.59 -7.88
N ARG A 48 1.85 -15.66 -6.95
CA ARG A 48 1.23 -15.73 -5.68
C ARG A 48 -0.28 -15.47 -5.81
N ILE A 49 -0.59 -14.44 -6.59
CA ILE A 49 -2.00 -14.05 -6.77
C ILE A 49 -2.81 -15.18 -7.41
N ALA A 50 -2.16 -15.95 -8.29
CA ALA A 50 -2.82 -17.15 -8.90
C ALA A 50 -3.41 -18.07 -7.88
N LYS A 51 -2.81 -18.11 -6.72
CA LYS A 51 -3.23 -19.00 -5.64
C LYS A 51 -4.33 -18.49 -4.69
N VAL A 52 -4.70 -17.21 -4.74
CA VAL A 52 -5.64 -16.68 -3.69
C VAL A 52 -7.01 -16.49 -4.30
N LYS A 53 -8.01 -16.37 -3.45
CA LYS A 53 -9.41 -16.19 -3.88
C LYS A 53 -9.81 -14.71 -3.92
N THR A 54 -9.16 -13.91 -3.06
CA THR A 54 -9.48 -12.54 -2.87
C THR A 54 -8.18 -11.70 -2.69
N LEU A 55 -8.18 -10.53 -3.32
CA LEU A 55 -6.98 -9.68 -3.38
C LEU A 55 -7.43 -8.21 -3.12
N GLY A 56 -6.87 -7.60 -2.10
CA GLY A 56 -7.10 -6.18 -1.77
C GLY A 56 -5.96 -5.33 -2.35
N ILE A 57 -6.30 -4.19 -2.92
CA ILE A 57 -5.36 -3.28 -3.54
C ILE A 57 -5.54 -1.90 -2.92
N SER A 58 -4.42 -1.25 -2.64
CA SER A 58 -4.43 0.14 -2.24
C SER A 58 -4.37 1.08 -3.44
N TRP A 59 -3.64 2.18 -3.33
CA TRP A 59 -3.56 3.18 -4.36
CA TRP A 59 -3.52 3.14 -4.40
C TRP A 59 -2.13 3.71 -4.55
N GLY A 60 -1.95 4.58 -5.51
CA GLY A 60 -0.70 5.32 -5.62
C GLY A 60 0.12 5.04 -6.84
N LYS A 61 1.18 5.83 -7.01
CA LYS A 61 1.98 5.71 -8.20
CA LYS A 61 2.02 5.74 -8.16
C LYS A 61 2.65 4.37 -8.34
N THR A 62 3.19 3.81 -7.27
CA THR A 62 3.88 2.55 -7.36
C THR A 62 2.93 1.37 -7.73
N ILE A 63 1.82 1.32 -7.07
CA ILE A 63 0.79 0.32 -7.42
C ILE A 63 0.23 0.53 -8.85
N ARG A 64 0.06 1.79 -9.28
CA ARG A 64 -0.36 2.07 -10.67
C ARG A 64 0.64 1.44 -11.68
N LYS A 65 1.94 1.64 -11.45
CA LYS A 65 2.94 1.02 -12.27
C LYS A 65 2.87 -0.52 -12.27
N PHE A 66 2.75 -1.10 -11.08
CA PHE A 66 2.53 -2.54 -10.92
C PHE A 66 1.40 -3.00 -11.78
N ALA A 67 0.28 -2.32 -11.66
CA ALA A 67 -0.90 -2.69 -12.47
C ALA A 67 -0.69 -2.57 -13.98
N ASN A 68 0.05 -1.56 -14.43
CA ASN A 68 0.30 -1.38 -15.83
C ASN A 68 1.14 -2.54 -16.33
N GLU A 69 2.08 -3.01 -15.47
CA GLU A 69 3.00 -4.08 -15.87
C GLU A 69 2.39 -5.49 -15.75
N PHE A 70 1.25 -5.59 -15.09
CA PHE A 70 0.64 -6.86 -14.78
C PHE A 70 0.25 -7.65 -16.03
N PRO A 71 0.46 -8.97 -16.02
CA PRO A 71 0.23 -9.75 -17.23
C PRO A 71 -1.25 -10.05 -17.47
N PHE A 72 -1.56 -10.56 -18.67
CA PHE A 72 -2.94 -10.87 -19.02
C PHE A 72 -3.29 -12.34 -18.82
N ILE A 73 -3.14 -12.83 -17.62
CA ILE A 73 -3.39 -14.21 -17.34
C ILE A 73 -4.74 -14.34 -16.69
N PRO A 74 -5.61 -15.17 -17.25
CA PRO A 74 -6.93 -15.23 -16.64
C PRO A 74 -6.89 -15.85 -15.24
N HIS A 75 -7.75 -15.34 -14.35
CA HIS A 75 -8.01 -15.91 -13.02
C HIS A 75 -9.45 -15.58 -12.71
N LYS A 76 -10.34 -16.23 -13.44
CA LYS A 76 -11.74 -15.75 -13.45
C LYS A 76 -12.46 -15.84 -12.09
N ASP A 77 -12.03 -16.73 -11.20
CA ASP A 77 -12.64 -16.81 -9.88
C ASP A 77 -12.14 -15.79 -8.82
N LEU A 78 -11.14 -14.98 -9.13
CA LEU A 78 -10.63 -14.02 -8.18
C LEU A 78 -11.63 -12.91 -7.94
N THR A 79 -11.71 -12.37 -6.73
CA THR A 79 -12.37 -11.07 -6.50
C THR A 79 -11.36 -10.07 -5.99
N ILE A 80 -11.26 -8.93 -6.68
CA ILE A 80 -10.35 -7.81 -6.31
C ILE A 80 -11.16 -6.70 -5.64
N ILE A 81 -10.66 -6.23 -4.50
CA ILE A 81 -11.35 -5.28 -3.64
C ILE A 81 -10.44 -4.07 -3.38
N PRO A 82 -10.96 -2.85 -3.63
CA PRO A 82 -10.18 -1.64 -3.30
C PRO A 82 -10.21 -1.43 -1.79
N LEU A 83 -9.07 -1.05 -1.23
CA LEU A 83 -8.95 -0.95 0.21
C LEU A 83 -9.12 0.54 0.66
N ILE A 84 -9.37 1.44 -0.28
CA ILE A 84 -9.46 2.88 0.05
C ILE A 84 -10.38 3.50 -1.01
N GLY A 85 -11.18 4.49 -0.63
CA GLY A 85 -12.08 5.15 -1.58
C GLY A 85 -11.35 6.09 -2.56
N GLY A 86 -12.15 6.82 -3.35
N GLY A 86 -12.06 6.74 -3.47
CA GLY A 86 -11.70 7.94 -4.20
CA GLY A 86 -11.41 7.59 -4.48
C GLY A 86 -12.15 7.68 -5.65
C GLY A 86 -10.67 8.85 -4.02
N ASP A 93 -7.09 7.66 -11.90
CA ASP A 93 -5.84 7.19 -12.54
C ASP A 93 -5.00 6.34 -11.53
N LEU A 94 -4.58 7.02 -10.48
CA LEU A 94 -3.91 6.46 -9.29
C LEU A 94 -4.88 5.88 -8.22
N HIS A 95 -6.18 6.11 -8.38
CA HIS A 95 -7.23 5.67 -7.45
C HIS A 95 -7.43 4.20 -7.46
N SER A 96 -7.61 3.67 -6.28
CA SER A 96 -7.77 2.25 -6.04
C SER A 96 -8.84 1.66 -6.98
N ASN A 97 -9.97 2.34 -7.14
CA ASN A 97 -11.05 1.79 -7.99
C ASN A 97 -10.67 1.52 -9.42
N GLN A 98 -9.98 2.47 -10.04
CA GLN A 98 -9.54 2.35 -11.40
C GLN A 98 -8.42 1.29 -11.53
N ILE A 99 -7.49 1.26 -10.54
CA ILE A 99 -6.48 0.21 -10.53
C ILE A 99 -7.11 -1.22 -10.46
N CYS A 100 -8.07 -1.37 -9.55
CA CYS A 100 -8.76 -2.63 -9.37
CA CYS A 100 -8.78 -2.60 -9.35
C CYS A 100 -9.48 -3.03 -10.64
N TYR A 101 -10.14 -2.10 -11.29
CA TYR A 101 -10.83 -2.38 -12.54
C TYR A 101 -9.83 -2.84 -13.62
N ASP A 102 -8.72 -2.12 -13.77
CA ASP A 102 -7.74 -2.48 -14.75
C ASP A 102 -7.17 -3.89 -14.50
N LEU A 103 -6.88 -4.25 -13.24
CA LEU A 103 -6.46 -5.62 -12.91
C LEU A 103 -7.59 -6.63 -13.22
N LYS A 104 -8.83 -6.23 -13.00
CA LYS A 104 -9.97 -7.14 -13.25
C LYS A 104 -10.06 -7.46 -14.74
N LYS A 105 -9.86 -6.43 -15.55
CA LYS A 105 -9.88 -6.61 -17.04
C LYS A 105 -8.75 -7.57 -17.50
N LYS A 106 -7.56 -7.42 -16.90
CA LYS A 106 -6.41 -8.33 -17.21
C LYS A 106 -6.66 -9.79 -16.80
N LYS A 108 -9.76 -11.16 -16.16
CA LYS A 108 -11.16 -11.46 -16.45
C LYS A 108 -11.93 -11.96 -15.25
N CYS A 109 -11.77 -11.27 -14.12
CA CYS A 109 -12.25 -11.75 -12.81
C CYS A 109 -13.35 -10.85 -12.23
N HIS A 110 -13.65 -10.97 -10.95
CA HIS A 110 -14.64 -10.12 -10.30
C HIS A 110 -13.93 -8.95 -9.59
N SER A 111 -14.66 -7.87 -9.36
CA SER A 111 -14.12 -6.71 -8.56
C SER A 111 -15.26 -6.01 -7.91
N LYS A 112 -14.96 -5.28 -6.85
CA LYS A 112 -15.93 -4.45 -6.21
C LYS A 112 -15.47 -3.01 -6.34
N TYR A 113 -16.39 -2.08 -6.20
CA TYR A 113 -16.11 -0.64 -6.31
CA TYR A 113 -16.04 -0.65 -6.27
C TYR A 113 -16.40 -0.04 -4.96
N LEU A 114 -15.57 0.88 -4.51
CA LEU A 114 -15.81 1.53 -3.24
C LEU A 114 -16.46 2.85 -3.62
N TYR A 115 -17.79 2.90 -3.51
CA TYR A 115 -18.60 4.05 -3.88
C TYR A 115 -18.44 5.26 -2.86
N ALA A 116 -17.24 5.89 -2.75
CA ALA A 116 -16.99 6.92 -1.69
C ALA A 116 -15.66 7.61 -1.88
N PRO A 117 -15.51 8.84 -1.38
CA PRO A 117 -14.17 9.50 -1.40
C PRO A 117 -13.19 8.89 -0.37
N ALA A 118 -11.88 9.02 -0.58
CA ALA A 118 -10.94 8.55 0.42
C ALA A 118 -10.97 9.32 1.74
N LEU A 119 -11.10 10.65 1.63
CA LEU A 119 -10.91 11.54 2.80
C LEU A 119 -12.11 12.42 2.80
N VAL A 120 -12.91 12.34 3.87
CA VAL A 120 -14.07 13.19 4.07
C VAL A 120 -13.85 13.93 5.39
N GLU A 121 -13.49 15.20 5.30
CA GLU A 121 -13.27 16.09 6.44
CA GLU A 121 -13.24 15.95 6.52
C GLU A 121 -14.56 16.40 7.21
N ASP A 122 -15.69 16.31 6.54
CA ASP A 122 -16.96 16.56 7.20
C ASP A 122 -17.32 15.32 8.00
N THR A 123 -17.20 15.41 9.32
CA THR A 123 -17.34 14.24 10.16
C THR A 123 -18.71 13.53 10.05
N GLU A 124 -19.75 14.33 9.95
CA GLU A 124 -21.12 13.82 9.84
C GLU A 124 -21.31 13.09 8.49
N LYS A 126 -18.87 11.77 6.70
CA LYS A 126 -17.97 10.61 6.80
C LYS A 126 -18.77 9.50 7.44
N THR A 127 -19.45 9.87 8.52
CA THR A 127 -20.22 8.89 9.28
C THR A 127 -21.38 8.27 8.51
N ASP A 128 -22.18 9.09 7.82
CA ASP A 128 -23.25 8.59 6.94
C ASP A 128 -22.78 7.62 5.84
N LEU A 129 -21.68 7.99 5.18
CA LEU A 129 -21.12 7.17 4.11
C LEU A 129 -20.60 5.85 4.68
N SER A 130 -19.79 5.94 5.73
CA SER A 130 -19.26 4.73 6.34
C SER A 130 -20.38 3.72 6.66
N LYS A 131 -21.57 4.21 7.01
CA LYS A 131 -22.71 3.34 7.30
C LYS A 131 -23.68 3.02 6.12
N ASN A 132 -23.53 3.62 4.96
CA ASN A 132 -24.32 3.11 3.80
C ASN A 132 -23.97 1.65 3.57
N LYS A 133 -24.97 0.84 3.18
CA LYS A 133 -24.73 -0.63 3.09
C LYS A 133 -23.82 -1.13 1.97
N TYR A 134 -23.80 -0.54 0.78
CA TYR A 134 -22.81 -1.09 -0.17
C TYR A 134 -21.41 -0.63 0.20
N ILE A 135 -21.25 0.56 0.78
CA ILE A 135 -19.92 0.94 1.25
C ILE A 135 -19.45 0.01 2.37
N SER A 136 -20.32 -0.18 3.36
CA SER A 136 -19.99 -1.05 4.47
CA SER A 136 -19.97 -1.04 4.47
C SER A 136 -19.63 -2.45 3.96
N GLU A 137 -20.37 -2.99 2.99
CA GLU A 137 -20.05 -4.34 2.56
CA GLU A 137 -20.12 -4.32 2.42
C GLU A 137 -18.72 -4.44 1.85
N VAL A 138 -18.36 -3.44 1.06
CA VAL A 138 -17.05 -3.48 0.43
C VAL A 138 -15.93 -3.29 1.46
N LEU A 139 -16.10 -2.42 2.45
CA LEU A 139 -15.12 -2.32 3.50
C LEU A 139 -14.97 -3.67 4.20
N GLU A 140 -16.08 -4.34 4.54
CA GLU A 140 -15.93 -5.63 5.22
C GLU A 140 -15.24 -6.69 4.38
N GLU A 141 -15.54 -6.72 3.09
CA GLU A 141 -14.82 -7.57 2.12
C GLU A 141 -13.35 -7.26 2.08
N GLY A 142 -12.97 -5.98 2.21
CA GLY A 142 -11.54 -5.62 2.25
C GLY A 142 -10.84 -6.25 3.46
N LYS A 143 -11.55 -6.31 4.58
CA LYS A 143 -10.95 -6.76 5.82
C LYS A 143 -10.66 -8.22 5.74
N THR A 144 -11.38 -8.92 4.89
CA THR A 144 -11.24 -10.38 4.78
C THR A 144 -10.48 -10.91 3.61
N VAL A 145 -9.75 -10.05 2.88
CA VAL A 145 -9.01 -10.55 1.72
C VAL A 145 -7.91 -11.49 2.16
N ASP A 146 -7.55 -12.40 1.27
CA ASP A 146 -6.48 -13.38 1.51
C ASP A 146 -5.13 -12.65 1.53
N ALA A 148 -3.07 -8.62 0.42
CA ALA A 148 -3.26 -7.19 0.07
C ALA A 148 -1.93 -6.67 -0.49
N ILE A 149 -2.00 -5.76 -1.43
CA ILE A 149 -0.81 -5.11 -1.98
C ILE A 149 -0.93 -3.63 -1.67
N VAL A 150 0.10 -3.10 -1.01
CA VAL A 150 0.09 -1.69 -0.57
C VAL A 150 1.44 -1.05 -0.95
N GLY A 151 1.41 0.28 -1.06
CA GLY A 151 2.65 1.10 -1.08
C GLY A 151 2.97 1.64 0.31
N VAL A 152 4.18 2.14 0.49
CA VAL A 152 4.51 2.80 1.75
C VAL A 152 5.02 4.18 1.34
N SER A 153 4.54 5.23 1.99
CA SER A 153 4.98 6.56 1.59
C SER A 153 5.33 7.41 2.79
N SER A 154 5.90 8.57 2.52
CA SER A 154 6.27 9.52 3.55
C SER A 154 5.55 10.76 3.11
N PRO A 155 4.82 11.43 4.02
CA PRO A 155 4.11 12.62 3.62
C PRO A 155 5.01 13.84 3.41
N TYR A 156 6.32 13.72 3.57
CA TYR A 156 7.21 14.88 3.62
C TYR A 156 8.02 15.05 2.33
N ASN A 157 8.78 16.13 2.25
CA ASN A 157 9.59 16.41 1.03
C ASN A 157 8.83 16.18 -0.30
N HIS A 158 7.75 16.93 -0.48
CA HIS A 158 6.98 16.99 -1.74
C HIS A 158 6.50 15.63 -2.30
N SER A 159 5.64 14.98 -1.52
CA SER A 159 5.09 13.66 -1.86
C SER A 159 3.91 13.74 -2.83
N THR A 160 3.52 12.59 -3.37
CA THR A 160 2.38 12.41 -4.28
C THR A 160 1.10 13.07 -3.72
N GLU A 162 0.59 15.38 -1.47
CA GLU A 162 0.68 16.85 -1.47
C GLU A 162 0.62 17.41 -2.89
N GLU A 163 1.35 16.79 -3.82
CA GLU A 163 1.38 17.32 -5.18
C GLU A 163 -0.02 17.20 -5.83
N ILE A 164 -0.80 16.18 -5.43
CA ILE A 164 -2.18 16.06 -5.94
C ILE A 164 -3.22 16.80 -5.09
N GLY A 165 -2.78 17.61 -4.14
CA GLY A 165 -3.74 18.35 -3.31
C GLY A 165 -4.60 17.51 -2.36
N TYR A 166 -4.17 16.27 -2.10
CA TYR A 166 -4.82 15.44 -1.10
C TYR A 166 -4.66 15.98 0.33
N ILE A 167 -3.44 16.39 0.68
CA ILE A 167 -3.12 17.03 1.97
C ILE A 167 -2.40 18.32 1.64
N ASN A 168 -2.52 19.32 2.50
CA ASN A 168 -1.87 20.57 2.28
C ASN A 168 -0.79 20.80 3.33
N SER A 169 -0.13 21.96 3.27
CA SER A 169 1.00 22.23 4.17
C SER A 169 0.58 22.26 5.65
N GLU A 170 -0.66 22.65 5.93
CA GLU A 170 -1.13 22.67 7.32
C GLU A 170 -1.33 21.25 7.82
N ASP A 171 -1.86 20.38 6.96
CA ASP A 171 -1.95 18.95 7.29
C ASP A 171 -0.54 18.41 7.50
N ILE A 172 0.46 18.84 6.70
CA ILE A 172 1.83 18.34 6.93
C ILE A 172 2.39 18.79 8.30
N GLU A 173 2.12 20.02 8.68
CA GLU A 173 2.61 20.45 9.96
CA GLU A 173 2.55 20.56 10.00
C GLU A 173 1.91 19.73 11.13
N GLU A 174 0.66 19.40 10.97
CA GLU A 174 -0.03 18.57 11.97
C GLU A 174 0.64 17.21 12.10
N LEU A 175 0.94 16.58 10.97
CA LEU A 175 1.58 15.28 10.96
C LEU A 175 2.94 15.31 11.59
N ARG A 176 3.77 16.33 11.29
CA ARG A 176 5.07 16.51 11.93
CA ARG A 176 5.06 16.51 11.94
C ARG A 176 4.92 16.67 13.43
N TYR A 177 4.02 17.57 13.83
CA TYR A 177 3.80 17.84 15.22
C TYR A 177 3.42 16.57 15.96
N LYS A 178 2.69 15.69 15.26
CA LYS A 178 2.26 14.40 15.83
C LYS A 178 3.27 13.25 15.63
N ASP A 179 4.45 13.59 15.18
CA ASP A 179 5.56 12.64 15.04
C ASP A 179 5.27 11.52 14.07
N VAL A 180 4.50 11.83 13.05
CA VAL A 180 4.26 10.89 11.96
C VAL A 180 5.52 10.63 11.14
N VAL A 181 5.77 9.36 10.82
CA VAL A 181 6.90 8.97 9.99
C VAL A 181 6.54 8.37 8.64
N GLY A 182 5.31 7.90 8.47
CA GLY A 182 4.94 7.34 7.17
C GLY A 182 3.45 7.17 7.01
N ASP A 183 3.05 6.70 5.84
CA ASP A 183 1.66 6.31 5.62
C ASP A 183 1.54 5.05 4.76
N ILE A 184 0.51 4.27 5.02
CA ILE A 184 0.13 3.09 4.23
C ILE A 184 -1.39 3.20 4.11
N ASN A 185 -1.91 3.15 2.88
CA ASN A 185 -3.35 3.18 2.64
C ASN A 185 -3.97 4.44 3.28
N SER A 186 -3.25 5.56 3.13
CA SER A 186 -3.63 6.85 3.67
CA SER A 186 -3.59 6.85 3.67
C SER A 186 -3.88 6.85 5.19
N ARG A 187 -3.24 5.95 5.92
CA ARG A 187 -3.23 5.99 7.38
C ARG A 187 -1.77 6.33 7.81
N PHE A 188 -1.63 7.38 8.61
CA PHE A 188 -0.35 8.02 8.99
C PHE A 188 0.07 7.50 10.32
N PHE A 189 1.25 6.90 10.40
CA PHE A 189 1.72 6.23 11.57
C PHE A 189 2.99 6.85 12.13
N THR A 190 3.12 6.70 13.43
CA THR A 190 4.30 7.07 14.17
C THR A 190 5.38 5.98 14.09
N ALA A 191 6.51 6.21 14.75
CA ALA A 191 7.63 5.30 14.69
C ALA A 191 7.29 3.88 15.16
N ASP A 192 6.30 3.73 16.00
CA ASP A 192 5.94 2.41 16.47
C ASP A 192 5.01 1.69 15.54
N GLY A 193 4.73 2.30 14.38
CA GLY A 193 3.81 1.74 13.40
C GLY A 193 2.36 1.87 13.76
N LYS A 194 2.00 2.66 14.76
CA LYS A 194 0.59 2.81 15.11
C LYS A 194 0.04 4.09 14.52
N GLU A 195 -1.25 4.10 14.21
CA GLU A 195 -1.85 5.30 13.62
C GLU A 195 -1.72 6.43 14.60
N ALA A 196 -1.26 7.59 14.12
CA ALA A 196 -1.24 8.78 14.95
C ALA A 196 -2.67 9.22 15.31
N LYS A 197 -2.76 9.85 16.49
CA LYS A 197 -4.00 10.50 16.90
C LYS A 197 -4.13 11.84 16.21
N THR A 198 -4.80 11.86 15.09
CA THR A 198 -4.87 13.03 14.24
C THR A 198 -6.12 12.88 13.43
N GLU A 199 -6.74 14.03 13.21
CA GLU A 199 -7.98 14.16 12.43
CA GLU A 199 -8.01 14.13 12.47
C GLU A 199 -8.01 13.38 11.14
N ILE A 200 -6.99 13.56 10.30
CA ILE A 200 -6.94 12.88 9.02
C ILE A 200 -7.25 11.35 9.15
N ASN A 201 -6.62 10.67 10.08
CA ASN A 201 -6.79 9.21 10.23
C ASN A 201 -8.22 8.82 10.54
N THR A 202 -8.96 9.69 11.24
CA THR A 202 -10.32 9.35 11.58
C THR A 202 -11.31 9.73 10.47
N HIS A 203 -10.85 10.37 9.40
CA HIS A 203 -11.72 10.81 8.32
C HIS A 203 -11.48 10.05 6.99
N VAL A 204 -10.70 8.98 7.04
CA VAL A 204 -10.38 8.23 5.84
C VAL A 204 -11.38 7.06 5.69
N ILE A 205 -11.90 6.86 4.48
CA ILE A 205 -12.74 5.72 4.20
C ILE A 205 -11.85 4.68 3.54
N GLY A 206 -11.48 3.66 4.31
CA GLY A 206 -10.68 2.57 3.83
C GLY A 206 -10.19 1.78 5.04
N LEU A 207 -9.45 0.72 4.76
CA LEU A 207 -8.92 -0.18 5.77
C LEU A 207 -7.94 0.51 6.67
N SER A 208 -8.05 0.29 7.98
CA SER A 208 -7.14 0.82 8.99
C SER A 208 -5.89 -0.02 9.13
N LEU A 209 -4.85 0.51 9.79
CA LEU A 209 -3.62 -0.28 9.98
C LEU A 209 -3.83 -1.53 10.81
N GLU A 210 -4.69 -1.46 11.81
CA GLU A 210 -4.94 -2.68 12.57
C GLU A 210 -5.69 -3.74 11.78
N GLU A 211 -6.57 -3.30 10.89
CA GLU A 211 -7.21 -4.20 9.95
C GLU A 211 -6.21 -4.81 8.99
N LEU A 212 -5.27 -4.01 8.51
CA LEU A 212 -4.26 -4.48 7.61
CA LEU A 212 -4.22 -4.47 7.62
C LEU A 212 -3.38 -5.56 8.29
N LYS A 213 -3.07 -5.35 9.56
CA LYS A 213 -2.27 -6.28 10.27
C LYS A 213 -2.96 -7.67 10.41
N ASN A 214 -4.26 -7.73 10.30
CA ASN A 214 -4.98 -8.97 10.36
CA ASN A 214 -4.97 -8.99 10.35
C ASN A 214 -5.08 -9.72 9.02
N ILE A 215 -4.67 -9.09 7.94
CA ILE A 215 -4.71 -9.76 6.63
C ILE A 215 -3.54 -10.76 6.60
N PRO A 216 -3.78 -12.00 6.14
CA PRO A 216 -2.73 -13.03 6.26
C PRO A 216 -1.45 -12.66 5.55
N THR A 217 -1.54 -12.10 4.35
CA THR A 217 -0.34 -11.72 3.61
C THR A 217 -0.47 -10.32 3.07
N VAL A 218 0.31 -9.42 3.61
CA VAL A 218 0.31 -8.03 3.13
C VAL A 218 1.68 -7.85 2.42
N VAL A 219 1.60 -7.48 1.13
CA VAL A 219 2.76 -7.23 0.35
C VAL A 219 2.96 -5.75 0.16
N ALA A 220 4.16 -5.26 0.46
CA ALA A 220 4.48 -3.87 0.21
C ALA A 220 5.53 -3.71 -0.86
N LEU A 221 5.27 -2.74 -1.70
CA LEU A 221 6.17 -2.32 -2.78
C LEU A 221 6.71 -0.95 -2.42
N ALA A 222 8.03 -0.72 -2.35
CA ALA A 222 8.53 0.62 -2.04
C ALA A 222 9.81 0.91 -2.78
N ASN A 223 10.02 2.18 -3.12
CA ASN A 223 11.30 2.57 -3.67
C ASN A 223 11.68 3.97 -3.22
N GLY A 224 12.98 4.23 -3.16
CA GLY A 224 13.47 5.57 -2.90
C GLY A 224 13.92 5.72 -1.48
N LEU A 225 15.13 6.20 -1.33
CA LEU A 225 15.78 6.14 -0.03
C LEU A 225 15.10 7.08 1.00
N GLN A 226 14.42 8.15 0.54
CA GLN A 226 13.61 9.01 1.41
CA GLN A 226 13.67 9.00 1.47
C GLN A 226 12.53 8.23 2.16
N LYS A 227 12.14 7.05 1.65
CA LYS A 227 11.12 6.26 2.36
C LYS A 227 11.66 5.27 3.41
N LYS A 228 12.96 5.26 3.65
CA LYS A 228 13.56 4.34 4.62
C LYS A 228 12.91 4.37 5.97
N GLU A 229 12.79 5.56 6.56
CA GLU A 229 12.21 5.66 7.89
C GLU A 229 10.79 5.10 7.93
N ALA A 230 9.99 5.47 6.94
CA ALA A 230 8.60 4.98 6.85
C ALA A 230 8.57 3.46 6.73
N LEU A 231 9.38 2.94 5.84
CA LEU A 231 9.41 1.48 5.62
C LEU A 231 9.88 0.68 6.81
N VAL A 232 10.95 1.19 7.40
CA VAL A 232 11.49 0.54 8.58
C VAL A 232 10.52 0.50 9.72
N ALA A 233 9.81 1.60 9.95
CA ALA A 233 8.81 1.58 10.98
C ALA A 233 7.69 0.60 10.69
N ALA A 234 7.23 0.55 9.44
CA ALA A 234 6.19 -0.36 9.10
C ALA A 234 6.59 -1.83 9.29
N LEU A 235 7.79 -2.13 8.89
CA LEU A 235 8.36 -3.48 8.96
C LEU A 235 8.53 -3.91 10.41
N ASN A 236 9.05 -3.01 11.24
CA ASN A 236 9.20 -3.27 12.70
C ASN A 236 7.88 -3.54 13.44
N ALA A 237 6.81 -2.87 13.00
CA ALA A 237 5.50 -3.03 13.56
C ALA A 237 4.77 -4.27 13.06
N GLY A 238 5.36 -5.02 12.14
CA GLY A 238 4.72 -6.22 11.65
C GLY A 238 3.53 -5.95 10.75
N LEU A 239 3.51 -4.81 10.09
CA LEU A 239 2.37 -4.53 9.21
C LEU A 239 2.49 -5.27 7.86
N ILE A 240 3.69 -5.76 7.55
CA ILE A 240 4.06 -6.23 6.22
C ILE A 240 4.64 -7.60 6.35
N ASP A 241 4.24 -8.46 5.43
CA ASP A 241 4.70 -9.87 5.37
C ASP A 241 5.68 -10.15 4.25
N VAL A 242 5.55 -9.43 3.14
CA VAL A 242 6.34 -9.68 1.96
C VAL A 242 6.71 -8.27 1.46
N ILE A 243 7.96 -8.08 1.20
CA ILE A 243 8.42 -6.85 0.56
CA ILE A 243 8.44 -6.85 0.61
C ILE A 243 9.05 -7.10 -0.76
N VAL A 244 8.81 -6.20 -1.69
CA VAL A 244 9.44 -6.19 -2.99
C VAL A 244 10.16 -4.85 -3.06
N ILE A 245 11.49 -4.93 -3.07
CA ILE A 245 12.35 -3.76 -3.09
C ILE A 245 13.61 -3.98 -3.89
N THR A 246 14.31 -2.90 -4.15
CA THR A 246 15.52 -2.92 -4.92
C THR A 246 16.66 -3.33 -4.02
N ASP A 247 17.74 -3.76 -4.61
CA ASP A 247 18.93 -4.08 -3.80
C ASP A 247 19.56 -2.87 -3.15
N ARG A 248 19.47 -1.73 -3.83
CA ARG A 248 19.91 -0.45 -3.25
CA ARG A 248 19.90 -0.44 -3.25
C ARG A 248 19.13 -0.09 -1.96
N ALA A 250 17.46 -2.31 -0.17
CA ALA A 250 17.79 -3.36 0.80
C ALA A 250 19.10 -3.04 1.57
N GLU A 251 20.12 -2.56 0.88
CA GLU A 251 21.41 -2.28 1.52
C GLU A 251 21.24 -1.20 2.56
N TYR A 252 20.43 -0.22 2.21
CA TYR A 252 20.23 0.94 3.00
C TYR A 252 19.40 0.63 4.23
N ILE A 253 18.47 -0.32 4.15
CA ILE A 253 17.69 -0.64 5.33
C ILE A 253 18.25 -1.80 6.16
N LEU A 254 19.26 -2.50 5.66
CA LEU A 254 19.83 -3.61 6.44
C LEU A 254 20.72 -3.07 7.54
#